data_6USQ
#
_entry.id   6USQ
#
_cell.length_a   101.009
_cell.length_b   101.009
_cell.length_c   379.086
_cell.angle_alpha   90.000
_cell.angle_beta   90.000
_cell.angle_gamma   120.000
#
_symmetry.space_group_name_H-M   'P 61 2 2'
#
loop_
_entity.id
_entity.type
_entity.pdbx_description
1 polymer 'Telomerase reverse transcriptase'
2 polymer "DNA (5'-D(*GP*GP*TP*CP*AP*GP*GP*TP*CP*AP*GP*GP*TP*CP*A)-3')"
3 polymer "DNA/RNA (5'-R(*CP*UP*GP*AP*CP*CP*UP*GP*AP*C)-D(P*CP*T)-R(P*GP*AP*C)-D(P*C)-3')"
4 non-polymer 'MAGNESIUM ION'
5 water water
#
loop_
_entity_poly.entity_id
_entity_poly.type
_entity_poly.pdbx_seq_one_letter_code
_entity_poly.pdbx_strand_id
1 'polypeptide(L)'
;GMVHYYRLSLKSRQKAPKIVNSKYNSILNIALKNFRLCKKHKTKKPVQILALLQEIIPKSYFGTTTNLKRFYKVVEKILT
QSSFECIHLSVLHKCYDYDAIPWLQNVEPNLRPKLLLKHNLFLLDNIVKPIIAFYYKPIKTLNGHEIKFIRKEEYISFES
KVFHKLKKMKYLVEVQDEVKPRGVLNIIPKQDNFRAIVSIFPDSARKPFFKLLTSKIYKVLEEKYKTSGSLYTCWSEFTQ
KTQGQIYGIKVDIRDAAGNVKIPVLCKLIQSIPTHLLDSEKKNFIVDHISNQFVAFRRKIYKWNHGLLQGDPLSGCLCEL
YMAFMDRLYFSNLDKDAFIHRTVDDYFFCSPHPHKVYDFELLIKGVYQVNPTKTRTNLPTHRHPQDEIPYCGKIFNLTTR
QVRTLYKLPPNYEIRHKFKLWNFNNQISDDNPARFLQKAMDFPFICNSFTKFEFNTVFNDQRTVFANFYDAMICVAYKFD
AAMMALRTSFLVNDFGFIWLVLSSTVRAYASRAFKKIVTYKGGKYRKVTFQCLKSIAWRAFLAVLKRRTEIYKGLIDRIK
SREKLTMKFHDGEVDASYFCKLPEKFRFVKINRKASI
;
A
2 'polydeoxyribonucleotide' (DG)(DG)(DT)(DC)(DA)(DG)(DG)(DT)(DC)(DA)(DG)(DG)(DT)(DC)(DA) E
3 'polydeoxyribonucleotide/polyribonucleotide hybrid' CUGACCUGAC(DC)(DT)GAC(DC) F
#
# COMPACT_ATOMS: atom_id res chain seq x y z
N MET A 2 14.72 -21.43 -16.05
CA MET A 2 14.47 -21.09 -14.64
C MET A 2 13.56 -19.88 -14.50
N VAL A 3 13.06 -19.37 -15.62
CA VAL A 3 12.07 -18.29 -15.60
C VAL A 3 10.69 -18.93 -15.71
N HIS A 4 9.90 -18.83 -14.63
CA HIS A 4 8.57 -19.40 -14.60
C HIS A 4 7.45 -18.38 -14.47
N TYR A 5 7.76 -17.08 -14.46
CA TYR A 5 6.77 -16.06 -14.15
C TYR A 5 6.41 -15.19 -15.34
N TYR A 6 5.14 -14.77 -15.37
CA TYR A 6 4.67 -13.71 -16.26
C TYR A 6 4.18 -12.56 -15.38
N ARG A 7 4.76 -11.37 -15.60
CA ARG A 7 4.33 -10.16 -14.92
C ARG A 7 3.06 -9.58 -15.54
N LEU A 8 2.10 -9.21 -14.68
CA LEU A 8 0.85 -8.59 -15.09
C LEU A 8 0.93 -7.11 -15.44
N SER A 9 2.06 -6.44 -15.26
CA SER A 9 2.02 -4.99 -15.34
C SER A 9 2.05 -4.53 -16.80
N LEU A 10 1.54 -3.31 -17.02
CA LEU A 10 1.29 -2.87 -18.39
C LEU A 10 2.57 -2.55 -19.14
N LYS A 11 3.59 -2.01 -18.46
CA LYS A 11 4.78 -1.55 -19.16
C LYS A 11 5.49 -2.65 -19.92
N SER A 12 5.24 -3.93 -19.58
CA SER A 12 5.79 -5.04 -20.35
C SER A 12 5.24 -5.10 -21.78
N ARG A 13 4.24 -4.29 -22.10
CA ARG A 13 3.51 -4.41 -23.35
C ARG A 13 4.37 -3.98 -24.53
N GLN A 14 3.96 -4.42 -25.71
CA GLN A 14 4.64 -4.16 -26.97
C GLN A 14 3.69 -3.46 -27.91
N LYS A 15 4.24 -2.95 -29.01
CA LYS A 15 3.47 -2.21 -30.00
C LYS A 15 3.23 -3.18 -31.15
N ALA A 16 1.96 -3.43 -31.42
CA ALA A 16 1.59 -4.55 -32.28
C ALA A 16 2.06 -4.34 -33.71
N PRO A 17 2.69 -5.34 -34.32
CA PRO A 17 2.92 -5.29 -35.77
C PRO A 17 1.59 -5.45 -36.48
N LYS A 18 1.56 -5.02 -37.74
CA LYS A 18 0.32 -5.13 -38.49
C LYS A 18 0.05 -6.57 -38.90
N ILE A 19 1.11 -7.36 -39.11
CA ILE A 19 1.05 -8.75 -39.51
C ILE A 19 1.92 -9.60 -38.59
N VAL A 20 1.47 -10.82 -38.29
CA VAL A 20 2.22 -11.72 -37.42
C VAL A 20 3.26 -12.44 -38.29
N ASN A 21 4.35 -12.88 -37.68
CA ASN A 21 5.45 -13.38 -38.48
C ASN A 21 5.24 -14.86 -38.86
N SER A 22 6.21 -15.44 -39.56
CA SER A 22 6.05 -16.76 -40.16
C SER A 22 6.02 -17.89 -39.14
N LYS A 23 6.56 -17.67 -37.95
CA LYS A 23 6.60 -18.72 -36.93
C LYS A 23 5.32 -18.83 -36.14
N TYR A 24 4.34 -17.95 -36.41
CA TYR A 24 3.04 -17.96 -35.77
C TYR A 24 1.99 -18.25 -36.84
N ASN A 25 0.92 -18.94 -36.45
CA ASN A 25 -0.16 -19.21 -37.39
C ASN A 25 -0.92 -17.94 -37.74
N SER A 26 -1.30 -17.83 -39.01
CA SER A 26 -1.92 -16.63 -39.58
C SER A 26 -3.26 -16.25 -38.95
N ILE A 27 -3.92 -17.13 -38.20
CA ILE A 27 -5.19 -16.78 -37.57
C ILE A 27 -5.01 -15.55 -36.68
N LEU A 28 -3.83 -15.41 -36.08
CA LEU A 28 -3.55 -14.27 -35.22
C LEU A 28 -3.85 -12.96 -35.93
N ASN A 29 -3.58 -12.92 -37.24
CA ASN A 29 -3.76 -11.70 -38.02
C ASN A 29 -5.21 -11.24 -38.05
N ILE A 30 -6.16 -12.17 -38.04
CA ILE A 30 -7.56 -11.78 -37.88
C ILE A 30 -7.70 -10.90 -36.64
N ALA A 31 -7.22 -11.41 -35.50
CA ALA A 31 -7.25 -10.61 -34.28
C ALA A 31 -6.62 -9.24 -34.55
N LEU A 32 -5.43 -9.25 -35.16
CA LEU A 32 -4.71 -8.00 -35.40
C LEU A 32 -5.57 -7.08 -36.26
N LYS A 33 -6.25 -7.65 -37.25
CA LYS A 33 -7.13 -6.86 -38.11
C LYS A 33 -8.14 -6.12 -37.24
N ASN A 34 -8.83 -6.88 -36.37
CA ASN A 34 -9.85 -6.30 -35.51
C ASN A 34 -9.22 -5.24 -34.61
N PHE A 35 -7.95 -5.44 -34.22
CA PHE A 35 -7.27 -4.44 -33.42
C PHE A 35 -7.37 -3.08 -34.11
N ARG A 36 -6.91 -2.99 -35.36
CA ARG A 36 -7.06 -1.72 -36.07
C ARG A 36 -8.53 -1.29 -36.04
N LEU A 37 -9.44 -2.20 -36.40
CA LEU A 37 -10.84 -1.83 -36.43
C LEU A 37 -11.27 -1.42 -35.03
N CYS A 38 -10.74 -2.11 -34.01
CA CYS A 38 -11.07 -1.77 -32.63
C CYS A 38 -10.54 -0.38 -32.33
N LYS A 39 -9.36 -0.09 -32.90
CA LYS A 39 -8.72 1.21 -32.73
C LYS A 39 -9.62 2.32 -33.26
N LYS A 40 -10.37 2.05 -34.34
CA LYS A 40 -11.31 3.04 -34.88
C LYS A 40 -12.02 3.72 -33.72
N HIS A 41 -12.02 5.05 -33.74
CA HIS A 41 -12.71 5.84 -32.72
C HIS A 41 -14.23 5.73 -32.83
N LYS A 42 -14.73 4.60 -32.35
CA LYS A 42 -16.14 4.25 -32.32
C LYS A 42 -16.57 4.02 -30.89
N THR A 43 -15.60 4.00 -29.97
CA THR A 43 -15.87 3.84 -28.54
C THR A 43 -16.76 4.94 -28.01
N LYS A 44 -17.64 4.56 -27.10
CA LYS A 44 -18.35 5.48 -26.21
C LYS A 44 -17.89 5.26 -24.78
N LYS A 45 -18.37 6.11 -23.88
CA LYS A 45 -18.11 5.98 -22.45
C LYS A 45 -18.23 4.55 -21.92
N PRO A 46 -19.28 3.78 -22.20
CA PRO A 46 -19.34 2.41 -21.66
C PRO A 46 -18.60 1.43 -22.54
N VAL A 47 -17.40 0.96 -22.19
CA VAL A 47 -16.98 -0.30 -22.79
C VAL A 47 -16.50 -1.26 -21.72
N GLN A 48 -16.63 -2.53 -22.03
CA GLN A 48 -16.16 -3.65 -21.21
C GLN A 48 -15.03 -4.32 -21.98
N ILE A 49 -13.86 -4.45 -21.36
CA ILE A 49 -12.74 -4.97 -22.13
C ILE A 49 -12.97 -6.44 -22.43
N LEU A 50 -13.51 -7.18 -21.46
CA LEU A 50 -13.93 -8.55 -21.67
C LEU A 50 -14.82 -8.68 -22.89
N ALA A 51 -15.80 -7.77 -23.01
CA ALA A 51 -16.76 -7.84 -24.12
C ALA A 51 -16.11 -7.56 -25.47
N LEU A 52 -15.38 -6.43 -25.56
CA LEU A 52 -14.71 -6.07 -26.81
C LEU A 52 -13.70 -7.12 -27.25
N LEU A 53 -12.99 -7.73 -26.30
CA LEU A 53 -12.03 -8.76 -26.66
C LEU A 53 -12.71 -9.95 -27.33
N GLN A 54 -13.88 -10.36 -26.81
CA GLN A 54 -14.62 -11.46 -27.42
C GLN A 54 -15.06 -11.15 -28.84
N GLU A 55 -15.21 -9.88 -29.19
CA GLU A 55 -15.45 -9.50 -30.58
C GLU A 55 -14.18 -9.17 -31.36
N ILE A 56 -13.00 -9.36 -30.77
CA ILE A 56 -11.73 -9.15 -31.45
C ILE A 56 -11.07 -10.49 -31.79
N ILE A 57 -11.02 -11.40 -30.84
CA ILE A 57 -10.42 -12.71 -31.04
C ILE A 57 -11.54 -13.69 -31.42
N PRO A 58 -11.53 -14.26 -32.61
CA PRO A 58 -12.60 -15.17 -33.00
C PRO A 58 -12.64 -16.39 -32.08
N LYS A 59 -13.87 -16.79 -31.71
CA LYS A 59 -14.03 -18.01 -30.92
C LYS A 59 -13.35 -19.21 -31.57
N SER A 60 -13.19 -19.17 -32.90
CA SER A 60 -12.52 -20.26 -33.61
C SER A 60 -11.09 -20.48 -33.12
N TYR A 61 -10.50 -19.49 -32.44
CA TYR A 61 -9.14 -19.64 -31.93
C TYR A 61 -9.10 -20.59 -30.74
N PHE A 62 -10.11 -20.53 -29.86
CA PHE A 62 -10.20 -21.49 -28.77
C PHE A 62 -11.07 -22.70 -29.10
N GLY A 63 -12.04 -22.55 -29.99
CA GLY A 63 -12.89 -23.66 -30.36
C GLY A 63 -13.99 -23.94 -29.34
N THR A 64 -13.59 -24.43 -28.17
CA THR A 64 -14.53 -24.79 -27.12
C THR A 64 -14.67 -23.65 -26.12
N THR A 65 -15.85 -23.56 -25.51
CA THR A 65 -16.12 -22.52 -24.54
C THR A 65 -15.26 -22.64 -23.29
N THR A 66 -14.93 -23.87 -22.88
CA THR A 66 -14.13 -24.04 -21.67
C THR A 66 -12.72 -23.48 -21.85
N ASN A 67 -12.12 -23.68 -23.03
CA ASN A 67 -10.84 -23.05 -23.35
C ASN A 67 -10.94 -21.53 -23.30
N LEU A 68 -11.94 -20.97 -23.99
CA LEU A 68 -12.15 -19.53 -23.99
C LEU A 68 -12.25 -19.01 -22.56
N LYS A 69 -13.02 -19.70 -21.72
CA LYS A 69 -13.20 -19.27 -20.33
C LYS A 69 -11.88 -19.34 -19.58
N ARG A 70 -11.09 -20.39 -19.84
CA ARG A 70 -9.79 -20.53 -19.22
C ARG A 70 -8.93 -19.32 -19.52
N PHE A 71 -8.87 -18.92 -20.80
CA PHE A 71 -8.09 -17.76 -21.19
C PHE A 71 -8.64 -16.45 -20.63
N TYR A 72 -9.95 -16.24 -20.74
CA TYR A 72 -10.49 -14.99 -20.25
C TYR A 72 -10.43 -14.86 -18.73
N LYS A 73 -10.27 -15.96 -18.00
CA LYS A 73 -10.12 -15.81 -16.55
C LYS A 73 -8.75 -15.21 -16.21
N VAL A 74 -7.73 -15.56 -16.99
CA VAL A 74 -6.44 -14.87 -16.89
C VAL A 74 -6.60 -13.41 -17.30
N VAL A 75 -7.30 -13.16 -18.41
CA VAL A 75 -7.49 -11.77 -18.82
C VAL A 75 -8.16 -10.98 -17.69
N GLU A 76 -9.16 -11.59 -17.05
CA GLU A 76 -9.89 -10.97 -15.94
C GLU A 76 -8.96 -10.68 -14.77
N LYS A 77 -8.07 -11.63 -14.47
CA LYS A 77 -7.07 -11.41 -13.43
C LYS A 77 -6.23 -10.19 -13.77
N ILE A 78 -5.82 -10.09 -15.05
CA ILE A 78 -5.05 -8.94 -15.51
C ILE A 78 -5.85 -7.67 -15.26
N LEU A 79 -7.15 -7.70 -15.58
CA LEU A 79 -7.99 -6.52 -15.50
C LEU A 79 -8.25 -6.10 -14.06
N THR A 80 -7.97 -6.96 -13.09
CA THR A 80 -8.22 -6.65 -11.69
C THR A 80 -6.92 -6.70 -10.88
N GLN A 81 -5.79 -6.51 -11.55
CA GLN A 81 -4.49 -6.88 -11.00
C GLN A 81 -4.03 -5.94 -9.88
N SER A 82 -3.18 -6.50 -9.02
CA SER A 82 -2.40 -5.75 -8.05
C SER A 82 -1.04 -5.44 -8.65
N SER A 83 -0.44 -4.34 -8.19
CA SER A 83 0.96 -4.08 -8.50
C SER A 83 1.84 -5.28 -8.18
N PHE A 84 2.83 -5.51 -9.04
CA PHE A 84 3.83 -6.58 -8.91
C PHE A 84 3.32 -8.00 -9.12
N GLU A 85 2.01 -8.19 -9.24
CA GLU A 85 1.45 -9.54 -9.31
C GLU A 85 1.94 -10.28 -10.56
N CYS A 86 2.06 -11.60 -10.43
CA CYS A 86 2.52 -12.49 -11.51
C CYS A 86 1.59 -13.71 -11.59
N ILE A 87 1.72 -14.45 -12.68
CA ILE A 87 1.19 -15.82 -12.77
C ILE A 87 2.25 -16.77 -13.33
N HIS A 88 1.94 -18.07 -13.27
CA HIS A 88 2.82 -19.11 -13.81
C HIS A 88 2.61 -19.28 -15.31
N LEU A 89 3.72 -19.24 -16.06
CA LEU A 89 3.66 -19.52 -17.49
C LEU A 89 2.90 -20.81 -17.80
N SER A 90 3.02 -21.82 -16.94
CA SER A 90 2.30 -23.07 -17.12
C SER A 90 0.79 -22.90 -17.24
N VAL A 91 0.23 -21.85 -16.62
CA VAL A 91 -1.21 -21.60 -16.71
C VAL A 91 -1.66 -21.44 -18.17
N LEU A 92 -0.78 -20.98 -19.05
CA LEU A 92 -1.15 -20.62 -20.41
C LEU A 92 -1.29 -21.81 -21.35
N HIS A 93 -0.98 -23.01 -20.90
CA HIS A 93 -1.08 -24.19 -21.76
C HIS A 93 -1.63 -25.42 -21.05
N LYS A 94 -1.39 -25.60 -19.76
CA LYS A 94 -1.86 -26.79 -19.06
C LYS A 94 -3.37 -26.86 -19.03
N CYS A 95 -3.89 -28.08 -19.19
CA CYS A 95 -5.30 -28.45 -19.05
C CYS A 95 -6.18 -27.96 -20.18
N TYR A 96 -5.60 -27.46 -21.28
CA TYR A 96 -6.43 -27.04 -22.39
C TYR A 96 -6.87 -28.28 -23.17
N ASP A 97 -8.02 -28.17 -23.84
CA ASP A 97 -8.52 -29.27 -24.67
C ASP A 97 -7.97 -29.11 -26.08
N TYR A 98 -6.80 -29.73 -26.34
CA TYR A 98 -6.15 -29.46 -27.62
C TYR A 98 -6.90 -30.07 -28.80
N ASP A 99 -7.65 -31.15 -28.58
CA ASP A 99 -8.45 -31.74 -29.65
C ASP A 99 -9.45 -30.74 -30.23
N ALA A 100 -10.07 -29.92 -29.38
CA ALA A 100 -11.15 -29.06 -29.85
C ALA A 100 -10.66 -27.79 -30.53
N ILE A 101 -9.35 -27.58 -30.53
CA ILE A 101 -8.75 -26.37 -31.12
C ILE A 101 -8.42 -26.71 -32.57
N PRO A 102 -9.15 -26.16 -33.55
CA PRO A 102 -9.01 -26.70 -34.92
C PRO A 102 -7.64 -26.42 -35.51
N TRP A 103 -7.11 -25.23 -35.32
CA TRP A 103 -5.81 -24.89 -35.90
C TRP A 103 -4.65 -25.62 -35.22
N LEU A 104 -4.86 -26.50 -34.25
CA LEU A 104 -3.74 -27.23 -33.66
C LEU A 104 -3.73 -28.71 -34.04
N GLN A 105 -4.70 -29.16 -34.82
CA GLN A 105 -4.82 -30.58 -35.18
C GLN A 105 -3.74 -31.06 -36.15
N ASN A 106 -3.25 -30.18 -37.05
CA ASN A 106 -2.32 -30.65 -38.06
C ASN A 106 -0.95 -31.00 -37.50
N VAL A 107 -0.50 -30.32 -36.48
CA VAL A 107 0.85 -30.54 -35.98
C VAL A 107 0.72 -31.70 -35.01
N GLU A 108 1.75 -32.54 -34.85
CA GLU A 108 1.55 -33.69 -33.99
C GLU A 108 1.32 -33.25 -32.54
N PRO A 109 0.42 -33.94 -31.82
CA PRO A 109 0.03 -33.51 -30.47
C PRO A 109 1.16 -33.29 -29.46
N ASN A 110 2.13 -34.22 -29.40
CA ASN A 110 3.13 -34.19 -28.35
C ASN A 110 4.12 -33.03 -28.42
N LEU A 111 4.19 -32.30 -29.52
CA LEU A 111 5.06 -31.12 -29.63
C LEU A 111 4.27 -29.81 -29.47
N ARG A 112 2.95 -29.93 -29.40
CA ARG A 112 2.01 -28.79 -29.34
C ARG A 112 2.08 -27.84 -28.14
N PRO A 113 2.21 -28.30 -26.88
CA PRO A 113 2.07 -27.35 -25.74
C PRO A 113 2.97 -26.11 -25.71
N LYS A 114 4.29 -26.23 -25.91
CA LYS A 114 5.14 -25.03 -25.85
C LYS A 114 4.73 -23.95 -26.86
N LEU A 115 4.43 -24.35 -28.10
CA LEU A 115 3.91 -23.40 -29.09
C LEU A 115 2.70 -22.60 -28.61
N LEU A 116 1.67 -23.28 -28.10
CA LEU A 116 0.46 -22.56 -27.66
C LEU A 116 0.77 -21.52 -26.58
N LEU A 117 1.63 -21.85 -25.61
CA LEU A 117 1.96 -20.87 -24.57
C LEU A 117 2.45 -19.57 -25.20
N LYS A 118 3.43 -19.66 -26.10
CA LYS A 118 4.03 -18.47 -26.67
C LYS A 118 3.03 -17.72 -27.54
N HIS A 119 2.12 -18.44 -28.20
CA HIS A 119 1.11 -17.76 -29.02
C HIS A 119 0.15 -16.95 -28.14
N ASN A 120 -0.23 -17.53 -27.00
CA ASN A 120 -1.10 -16.81 -26.07
C ASN A 120 -0.35 -15.62 -25.46
N LEU A 121 0.94 -15.80 -25.20
CA LEU A 121 1.79 -14.69 -24.78
C LEU A 121 1.75 -13.57 -25.80
N PHE A 122 1.86 -13.93 -27.09
CA PHE A 122 1.83 -12.91 -28.14
C PHE A 122 0.52 -12.14 -28.09
N LEU A 123 -0.60 -12.84 -27.91
CA LEU A 123 -1.87 -12.13 -27.93
C LEU A 123 -1.98 -11.22 -26.72
N LEU A 124 -1.45 -11.66 -25.58
CA LEU A 124 -1.58 -10.87 -24.36
C LEU A 124 -0.73 -9.62 -24.45
N ASP A 125 0.47 -9.74 -25.02
CA ASP A 125 1.43 -8.64 -25.04
C ASP A 125 1.18 -7.63 -26.15
N ASN A 126 0.68 -8.07 -27.31
CA ASN A 126 0.51 -7.19 -28.45
C ASN A 126 -0.90 -6.68 -28.66
N ILE A 127 -1.90 -7.28 -28.01
CA ILE A 127 -3.29 -6.88 -28.24
C ILE A 127 -3.96 -6.53 -26.93
N VAL A 128 -3.83 -7.39 -25.92
CA VAL A 128 -4.56 -7.18 -24.66
C VAL A 128 -4.01 -5.98 -23.92
N LYS A 129 -2.73 -6.02 -23.55
CA LYS A 129 -2.13 -4.89 -22.85
C LYS A 129 -2.23 -3.60 -23.64
N PRO A 130 -1.89 -3.56 -24.95
CA PRO A 130 -2.09 -2.30 -25.69
C PRO A 130 -3.53 -1.80 -25.63
N ILE A 131 -4.51 -2.70 -25.70
CA ILE A 131 -5.90 -2.25 -25.67
C ILE A 131 -6.24 -1.68 -24.31
N ILE A 132 -5.67 -2.25 -23.24
CA ILE A 132 -5.90 -1.71 -21.90
C ILE A 132 -5.29 -0.32 -21.79
N ALA A 133 -4.08 -0.15 -22.33
CA ALA A 133 -3.38 1.12 -22.27
C ALA A 133 -4.14 2.21 -23.02
N PHE A 134 -4.78 1.83 -24.12
CA PHE A 134 -5.48 2.80 -24.96
C PHE A 134 -6.59 3.53 -24.21
N TYR A 135 -7.36 2.81 -23.39
CA TYR A 135 -8.49 3.44 -22.72
C TYR A 135 -8.26 3.78 -21.26
N TYR A 136 -7.20 3.28 -20.62
CA TYR A 136 -7.06 3.48 -19.18
C TYR A 136 -5.61 3.76 -18.82
N LYS A 137 -5.44 4.38 -17.64
CA LYS A 137 -4.17 4.66 -17.00
C LYS A 137 -4.11 3.92 -15.67
N PRO A 138 -3.06 3.13 -15.41
CA PRO A 138 -2.91 2.53 -14.08
C PRO A 138 -2.29 3.53 -13.11
N ILE A 139 -2.98 3.78 -12.00
CA ILE A 139 -2.48 4.60 -10.91
C ILE A 139 -2.45 3.78 -9.63
N LYS A 140 -1.40 3.95 -8.85
CA LYS A 140 -1.24 3.22 -7.59
C LYS A 140 -1.95 4.02 -6.51
N THR A 141 -2.97 3.42 -5.88
CA THR A 141 -3.70 4.16 -4.86
C THR A 141 -2.84 4.45 -3.65
N LEU A 142 -1.74 3.71 -3.48
CA LEU A 142 -0.80 3.77 -2.38
C LEU A 142 -1.42 3.23 -1.09
N ASN A 143 -2.63 2.71 -1.15
CA ASN A 143 -3.20 1.91 -0.06
C ASN A 143 -2.84 0.48 -0.43
N GLY A 144 -1.84 -0.08 0.25
CA GLY A 144 -1.33 -1.36 -0.18
C GLY A 144 -0.90 -1.24 -1.64
N HIS A 145 -1.16 -2.30 -2.41
CA HIS A 145 -0.81 -2.34 -3.83
C HIS A 145 -2.04 -2.12 -4.71
N GLU A 146 -3.12 -1.56 -4.17
CA GLU A 146 -4.31 -1.35 -4.98
C GLU A 146 -3.99 -0.50 -6.19
N ILE A 147 -4.50 -0.93 -7.34
CA ILE A 147 -4.42 -0.16 -8.57
C ILE A 147 -5.85 0.12 -9.01
N LYS A 148 -6.17 1.39 -9.22
CA LYS A 148 -7.46 1.76 -9.79
C LYS A 148 -7.21 2.21 -11.22
N PHE A 149 -8.03 1.71 -12.14
CA PHE A 149 -7.98 2.14 -13.53
C PHE A 149 -9.06 3.21 -13.74
N ILE A 150 -8.68 4.30 -14.39
CA ILE A 150 -9.61 5.35 -14.75
C ILE A 150 -9.54 5.57 -16.26
N ARG A 151 -10.63 6.07 -16.83
CA ARG A 151 -10.68 6.31 -18.26
C ARG A 151 -9.67 7.38 -18.63
N LYS A 152 -8.89 7.13 -19.70
CA LYS A 152 -7.90 8.10 -20.13
C LYS A 152 -8.51 9.46 -20.40
N GLU A 153 -9.69 9.50 -21.03
CA GLU A 153 -10.34 10.79 -21.27
C GLU A 153 -10.55 11.51 -19.95
N GLU A 154 -10.91 10.77 -18.90
CA GLU A 154 -11.18 11.38 -17.60
C GLU A 154 -9.89 11.78 -16.91
N TYR A 155 -8.85 10.94 -16.95
CA TYR A 155 -7.62 11.32 -16.27
C TYR A 155 -7.05 12.56 -16.93
N ILE A 156 -7.07 12.61 -18.27
CA ILE A 156 -6.52 13.76 -18.98
C ILE A 156 -7.34 15.01 -18.66
N SER A 157 -8.67 14.88 -18.59
CA SER A 157 -9.50 16.03 -18.27
C SER A 157 -9.17 16.54 -16.87
N PHE A 158 -9.05 15.62 -15.91
CA PHE A 158 -8.75 15.98 -14.53
C PHE A 158 -7.39 16.65 -14.45
N GLU A 159 -6.42 16.13 -15.21
CA GLU A 159 -5.06 16.65 -15.24
C GLU A 159 -5.00 18.02 -15.90
N SER A 160 -5.97 18.31 -16.78
CA SER A 160 -5.97 19.61 -17.45
C SER A 160 -6.63 20.62 -16.52
N LYS A 161 -7.74 20.22 -15.89
CA LYS A 161 -8.39 21.09 -14.92
C LYS A 161 -7.38 21.54 -13.88
N VAL A 162 -6.69 20.59 -13.25
CA VAL A 162 -5.80 20.98 -12.17
C VAL A 162 -4.57 21.71 -12.74
N PHE A 163 -4.20 21.45 -13.99
CA PHE A 163 -3.08 22.19 -14.57
C PHE A 163 -3.44 23.67 -14.71
N HIS A 164 -4.65 23.93 -15.23
CA HIS A 164 -5.11 25.31 -15.34
C HIS A 164 -5.23 25.97 -13.97
N LYS A 165 -5.83 25.27 -12.99
CA LYS A 165 -5.90 25.88 -11.65
C LYS A 165 -4.51 26.21 -11.13
N LEU A 166 -3.55 25.30 -11.34
CA LEU A 166 -2.17 25.51 -10.91
C LEU A 166 -1.49 26.60 -11.71
N LYS A 167 -2.11 27.01 -12.81
CA LYS A 167 -1.63 28.11 -13.65
C LYS A 167 -2.24 29.44 -13.25
N LYS A 168 -3.50 29.47 -12.80
CA LYS A 168 -4.14 30.73 -12.48
C LYS A 168 -3.56 31.30 -11.20
N MET A 169 -3.62 30.53 -10.11
CA MET A 169 -2.65 30.71 -9.04
C MET A 169 -1.28 30.45 -9.63
N LYS A 170 -0.35 31.38 -9.47
CA LYS A 170 0.85 31.30 -10.29
C LYS A 170 1.92 30.37 -9.74
N TYR A 171 1.50 29.15 -9.40
CA TYR A 171 2.39 28.10 -8.91
C TYR A 171 3.30 27.62 -10.03
N LEU A 172 2.78 27.59 -11.25
CA LEU A 172 3.48 27.12 -12.45
C LEU A 172 3.58 28.21 -13.49
N VAL A 173 4.79 28.48 -13.96
CA VAL A 173 5.02 29.57 -14.92
C VAL A 173 5.90 29.10 -16.06
N GLU A 174 5.38 29.25 -17.29
CA GLU A 174 6.17 28.85 -18.44
C GLU A 174 7.45 29.69 -18.38
N VAL A 175 8.55 28.96 -18.54
CA VAL A 175 9.90 29.43 -18.36
C VAL A 175 10.41 30.04 -19.62
N GLN A 176 10.15 29.38 -20.74
CA GLN A 176 10.56 29.90 -22.06
C GLN A 176 12.08 30.01 -22.13
N ASP A 177 12.76 30.62 -21.16
CA ASP A 177 14.21 30.60 -21.25
C ASP A 177 14.62 29.14 -21.17
N GLU A 178 15.28 28.64 -22.21
CA GLU A 178 15.62 27.22 -22.25
C GLU A 178 16.38 26.82 -21.00
N VAL A 179 15.99 25.68 -20.44
CA VAL A 179 16.60 25.16 -19.24
C VAL A 179 16.46 23.65 -19.27
N LYS A 180 17.45 22.95 -18.74
CA LYS A 180 17.32 21.50 -18.78
C LYS A 180 16.29 21.12 -17.75
N PRO A 181 15.21 20.45 -18.11
CA PRO A 181 14.24 20.03 -17.09
C PRO A 181 14.79 18.83 -16.36
N ARG A 182 14.46 18.74 -15.08
CA ARG A 182 14.91 17.60 -14.29
C ARG A 182 13.94 16.42 -14.33
N GLY A 183 12.66 16.64 -14.63
CA GLY A 183 11.74 15.52 -14.69
C GLY A 183 10.39 15.90 -15.28
N VAL A 184 9.47 14.93 -15.24
CA VAL A 184 8.11 15.09 -15.79
C VAL A 184 7.12 15.21 -14.64
N LEU A 185 6.21 16.19 -14.75
CA LEU A 185 5.12 16.33 -13.78
C LEU A 185 4.05 15.27 -13.95
N ASN A 186 3.64 14.68 -12.83
CA ASN A 186 2.51 13.77 -12.74
C ASN A 186 1.52 14.32 -11.72
N ILE A 187 0.24 14.34 -12.10
CA ILE A 187 -0.86 14.66 -11.19
C ILE A 187 -1.48 13.34 -10.78
N ILE A 188 -1.43 13.05 -9.47
CA ILE A 188 -1.97 11.76 -8.94
C ILE A 188 -3.13 12.06 -7.99
N PRO A 189 -4.30 11.48 -8.20
CA PRO A 189 -5.41 11.74 -7.29
C PRO A 189 -5.17 11.04 -5.97
N LYS A 190 -5.61 11.69 -4.90
CA LYS A 190 -5.58 11.19 -3.50
C LYS A 190 -6.90 11.60 -2.87
N GLN A 191 -8.00 10.95 -3.27
CA GLN A 191 -9.34 11.31 -2.81
C GLN A 191 -9.73 12.69 -3.33
N ASP A 192 -10.37 13.50 -2.47
CA ASP A 192 -10.82 14.80 -2.95
C ASP A 192 -9.67 15.71 -3.30
N ASN A 193 -8.54 15.58 -2.61
CA ASN A 193 -7.40 16.44 -2.92
C ASN A 193 -6.57 15.77 -4.02
N PHE A 194 -5.35 16.26 -4.23
CA PHE A 194 -4.47 15.73 -5.25
C PHE A 194 -3.05 15.71 -4.70
N ARG A 195 -2.17 15.03 -5.44
CA ARG A 195 -0.74 15.07 -5.17
C ARG A 195 -0.07 15.40 -6.49
N ALA A 196 0.62 16.53 -6.54
CA ALA A 196 1.44 16.92 -7.68
C ALA A 196 2.87 16.48 -7.42
N ILE A 197 3.41 15.61 -8.26
CA ILE A 197 4.76 15.11 -8.03
C ILE A 197 5.54 15.12 -9.33
N VAL A 198 6.85 15.00 -9.20
CA VAL A 198 7.78 14.95 -10.32
C VAL A 198 8.42 13.57 -10.37
N SER A 199 8.44 12.97 -11.55
CA SER A 199 9.24 11.78 -11.79
C SER A 199 10.54 12.24 -12.42
N ILE A 200 11.64 12.02 -11.72
CA ILE A 200 12.93 12.60 -12.09
C ILE A 200 13.51 11.79 -13.24
N PHE A 201 13.99 12.48 -14.28
CA PHE A 201 14.74 11.80 -15.32
C PHE A 201 15.99 11.17 -14.71
N PRO A 202 16.30 9.92 -15.05
CA PRO A 202 17.51 9.32 -14.50
C PRO A 202 18.73 10.21 -14.73
N ASP A 203 19.47 10.45 -13.65
CA ASP A 203 20.67 11.28 -13.66
C ASP A 203 21.72 10.38 -13.05
N SER A 204 22.25 9.46 -13.86
CA SER A 204 23.15 8.46 -13.33
C SER A 204 24.41 9.09 -12.75
N ALA A 205 24.84 8.55 -11.62
CA ALA A 205 25.91 8.96 -10.72
C ALA A 205 25.43 10.03 -9.76
N ARG A 206 24.22 10.58 -9.93
CA ARG A 206 23.77 11.63 -9.05
C ARG A 206 23.04 11.11 -7.84
N LYS A 207 22.59 9.86 -7.87
CA LYS A 207 21.90 9.35 -6.71
C LYS A 207 22.85 8.92 -5.59
N PRO A 208 24.08 8.51 -5.87
CA PRO A 208 25.08 8.53 -4.80
C PRO A 208 25.23 9.88 -4.14
N PHE A 209 25.31 10.90 -4.99
CA PHE A 209 25.37 12.27 -4.56
C PHE A 209 24.11 12.69 -3.81
N PHE A 210 22.94 12.22 -4.28
CA PHE A 210 21.68 12.65 -3.66
C PHE A 210 21.49 11.98 -2.30
N LYS A 211 21.91 10.72 -2.20
CA LYS A 211 21.92 10.01 -0.93
C LYS A 211 22.93 10.60 0.04
N LEU A 212 24.07 11.05 -0.48
CA LEU A 212 25.08 11.69 0.35
C LEU A 212 24.56 12.99 0.96
N LEU A 213 23.93 13.83 0.15
CA LEU A 213 23.43 15.09 0.67
C LEU A 213 22.30 14.87 1.67
N THR A 214 21.40 13.94 1.36
CA THR A 214 20.32 13.61 2.30
C THR A 214 20.86 13.09 3.63
N SER A 215 21.85 12.18 3.58
CA SER A 215 22.46 11.64 4.78
C SER A 215 23.10 12.73 5.64
N LYS A 216 23.88 13.63 5.00
CA LYS A 216 24.56 14.64 5.80
C LYS A 216 23.59 15.61 6.45
N ILE A 217 22.50 15.96 5.75
CA ILE A 217 21.50 16.80 6.43
C ILE A 217 20.83 16.06 7.59
N TYR A 218 20.44 14.79 7.40
CA TYR A 218 19.82 14.06 8.52
C TYR A 218 20.75 13.97 9.73
N LYS A 219 22.06 13.80 9.50
CA LYS A 219 22.98 13.89 10.62
C LYS A 219 22.84 15.24 11.32
N VAL A 220 22.76 16.31 10.53
CA VAL A 220 22.57 17.64 11.10
C VAL A 220 21.26 17.72 11.89
N LEU A 221 20.20 17.05 11.42
CA LEU A 221 18.93 17.15 12.13
C LEU A 221 18.86 16.34 13.41
N GLU A 222 19.68 15.31 13.55
CA GLU A 222 19.77 14.66 14.85
C GLU A 222 20.61 15.51 15.81
N GLU A 223 21.75 15.95 15.31
CA GLU A 223 22.77 16.70 16.05
C GLU A 223 22.31 18.07 16.59
N LYS A 224 21.84 18.98 15.73
CA LYS A 224 21.33 20.24 16.32
C LYS A 224 19.93 20.21 16.91
N TYR A 225 18.95 19.51 16.33
CA TYR A 225 17.62 19.52 16.95
C TYR A 225 17.30 18.21 17.66
N LYS A 226 17.00 18.35 18.95
CA LYS A 226 16.54 17.35 19.89
C LYS A 226 15.45 16.44 19.34
N THR A 227 15.80 15.17 19.22
CA THR A 227 14.95 14.19 18.57
C THR A 227 13.57 14.23 19.21
N SER A 228 12.53 14.06 18.41
CA SER A 228 11.17 14.20 18.92
C SER A 228 10.92 13.22 20.06
N GLY A 229 11.80 12.24 20.26
CA GLY A 229 11.50 11.17 21.18
C GLY A 229 10.93 9.98 20.44
N SER A 230 11.03 8.82 21.05
CA SER A 230 10.29 7.75 20.41
C SER A 230 8.84 8.10 20.67
N LEU A 231 7.98 7.79 19.69
CA LEU A 231 6.58 8.08 19.92
C LEU A 231 6.03 7.27 21.08
N TYR A 232 6.42 6.00 21.15
CA TYR A 232 5.99 5.13 22.23
C TYR A 232 6.46 5.59 23.61
N THR A 233 7.76 5.92 23.75
CA THR A 233 8.29 6.30 25.06
C THR A 233 7.69 7.59 25.59
N CYS A 234 7.54 8.61 24.74
CA CYS A 234 6.98 9.86 25.22
C CYS A 234 5.57 9.66 25.75
N TRP A 235 4.80 8.84 25.04
CA TRP A 235 3.43 8.58 25.42
C TRP A 235 3.36 7.71 26.67
N SER A 236 4.34 6.82 26.85
CA SER A 236 4.43 5.96 28.03
C SER A 236 4.63 6.81 29.27
N GLU A 237 5.68 7.62 29.24
CA GLU A 237 6.00 8.48 30.37
C GLU A 237 4.79 9.35 30.68
N PHE A 238 4.19 9.95 29.64
CA PHE A 238 3.07 10.84 29.86
C PHE A 238 1.86 10.11 30.47
N THR A 239 1.64 8.84 30.08
CA THR A 239 0.52 8.10 30.66
C THR A 239 0.77 7.83 32.13
N GLN A 240 2.02 7.52 32.49
CA GLN A 240 2.35 7.35 33.90
C GLN A 240 2.18 8.64 34.67
N LYS A 241 2.68 9.75 34.10
CA LYS A 241 2.53 11.07 34.70
C LYS A 241 1.08 11.38 35.06
N THR A 242 0.15 11.12 34.13
CA THR A 242 -1.18 11.70 34.22
C THR A 242 -2.16 10.62 34.72
N GLN A 243 -2.82 10.90 35.84
CA GLN A 243 -3.82 10.01 36.40
C GLN A 243 -5.24 10.49 36.10
N GLY A 244 -5.38 11.78 35.78
CA GLY A 244 -6.64 12.38 35.40
C GLY A 244 -6.97 12.19 33.93
N GLN A 245 -8.15 12.66 33.55
CA GLN A 245 -8.58 12.56 32.16
C GLN A 245 -7.63 13.28 31.23
N ILE A 246 -7.14 12.54 30.23
CA ILE A 246 -6.23 13.05 29.21
C ILE A 246 -7.00 13.86 28.17
N TYR A 247 -6.40 14.94 27.69
CA TYR A 247 -6.96 15.74 26.61
C TYR A 247 -5.98 15.78 25.45
N GLY A 248 -6.46 15.67 24.21
CA GLY A 248 -5.54 15.63 23.09
C GLY A 248 -6.10 16.12 21.75
N ILE A 249 -5.16 16.30 20.81
CA ILE A 249 -5.46 16.71 19.44
C ILE A 249 -4.42 16.15 18.47
N LYS A 250 -4.89 15.74 17.30
CA LYS A 250 -4.04 15.46 16.14
C LYS A 250 -4.43 16.40 15.02
N VAL A 251 -3.46 17.14 14.46
CA VAL A 251 -3.76 17.93 13.28
C VAL A 251 -2.87 17.50 12.12
N ASP A 252 -3.45 17.58 10.91
CA ASP A 252 -2.79 17.24 9.65
C ASP A 252 -2.54 18.55 8.91
N ILE A 253 -1.27 18.96 8.79
CA ILE A 253 -0.96 20.12 7.97
C ILE A 253 -1.14 19.75 6.50
N ARG A 254 -1.73 20.66 5.72
CA ARG A 254 -2.00 20.40 4.32
C ARG A 254 -0.88 21.00 3.50
N ASP A 255 -0.34 20.20 2.58
CA ASP A 255 0.73 20.62 1.67
C ASP A 255 1.84 21.31 2.45
N ALA A 256 2.43 20.54 3.36
CA ALA A 256 3.54 21.04 4.17
C ALA A 256 4.71 21.45 3.29
N ALA A 257 4.97 20.69 2.22
CA ALA A 257 6.01 21.09 1.28
C ALA A 257 5.64 22.40 0.59
N GLY A 258 4.37 22.58 0.23
CA GLY A 258 3.94 23.77 -0.47
C GLY A 258 3.98 25.04 0.36
N ASN A 259 3.94 24.91 1.69
CA ASN A 259 3.94 26.08 2.56
C ASN A 259 5.32 26.39 3.10
N VAL A 260 6.36 25.80 2.52
CA VAL A 260 7.73 26.13 2.89
C VAL A 260 8.09 27.46 2.26
N LYS A 261 8.65 28.37 3.05
CA LYS A 261 9.13 29.65 2.56
C LYS A 261 10.57 29.48 2.09
N ILE A 262 10.77 29.54 0.77
CA ILE A 262 12.12 29.30 0.22
C ILE A 262 13.15 30.26 0.79
N PRO A 263 12.87 31.56 0.99
CA PRO A 263 13.91 32.44 1.55
C PRO A 263 14.42 31.99 2.91
N VAL A 264 13.49 31.61 3.80
CA VAL A 264 13.87 31.16 5.13
C VAL A 264 14.65 29.86 5.05
N LEU A 265 14.22 28.95 4.17
CA LEU A 265 14.96 27.69 4.05
C LEU A 265 16.37 27.96 3.54
N CYS A 266 16.50 28.86 2.56
CA CYS A 266 17.81 29.16 1.99
C CYS A 266 18.72 29.76 3.06
N LYS A 267 18.14 30.57 3.94
CA LYS A 267 18.93 31.18 5.01
C LYS A 267 19.35 30.12 6.03
N LEU A 268 18.47 29.17 6.33
CA LEU A 268 18.87 28.04 7.14
C LEU A 268 20.05 27.32 6.49
N ILE A 269 20.01 27.16 5.16
CA ILE A 269 21.11 26.49 4.49
C ILE A 269 22.39 27.27 4.72
N GLN A 270 22.37 28.58 4.42
CA GLN A 270 23.57 29.38 4.57
C GLN A 270 24.05 29.39 6.01
N SER A 271 23.11 29.37 6.96
CA SER A 271 23.41 29.40 8.40
C SER A 271 23.98 28.09 8.91
N ILE A 272 23.96 27.03 8.11
CA ILE A 272 24.56 25.75 8.53
C ILE A 272 26.05 25.95 8.76
N PRO A 273 26.63 25.39 9.82
CA PRO A 273 28.07 25.56 10.02
C PRO A 273 28.84 24.90 8.88
N THR A 274 29.92 25.55 8.47
CA THR A 274 30.68 25.09 7.30
C THR A 274 31.32 23.72 7.50
N HIS A 275 31.58 23.29 8.75
CA HIS A 275 32.16 21.98 8.96
C HIS A 275 31.17 20.84 8.68
N LEU A 276 29.89 21.10 8.88
CA LEU A 276 28.87 20.10 8.55
C LEU A 276 28.67 20.03 7.04
N LEU A 277 28.49 21.18 6.40
CA LEU A 277 28.15 21.26 4.98
C LEU A 277 28.88 22.46 4.40
N ASP A 278 29.80 22.20 3.47
CA ASP A 278 30.66 23.25 2.95
C ASP A 278 29.86 24.21 2.03
N SER A 279 30.50 25.34 1.72
CA SER A 279 29.82 26.42 1.00
C SER A 279 29.49 26.04 -0.45
N GLU A 280 30.32 25.24 -1.10
CA GLU A 280 30.02 24.78 -2.46
C GLU A 280 28.73 23.97 -2.49
N LYS A 281 28.60 23.00 -1.60
CA LYS A 281 27.40 22.18 -1.55
C LYS A 281 26.20 23.04 -1.18
N LYS A 282 26.37 23.93 -0.18
CA LYS A 282 25.34 24.89 0.16
C LYS A 282 24.81 25.59 -1.08
N ASN A 283 25.71 26.17 -1.87
CA ASN A 283 25.32 26.92 -3.06
C ASN A 283 24.70 26.02 -4.13
N PHE A 284 25.12 24.76 -4.20
CA PHE A 284 24.49 23.85 -5.17
C PHE A 284 23.06 23.57 -4.77
N ILE A 285 22.82 23.33 -3.48
CA ILE A 285 21.49 23.12 -2.94
C ILE A 285 20.61 24.36 -3.07
N VAL A 286 21.20 25.56 -2.95
CA VAL A 286 20.37 26.76 -2.89
C VAL A 286 19.71 27.06 -4.24
N ASP A 287 20.45 26.93 -5.35
CA ASP A 287 19.78 27.16 -6.62
C ASP A 287 19.04 25.91 -7.11
N HIS A 288 19.28 24.76 -6.47
CA HIS A 288 18.47 23.58 -6.75
C HIS A 288 17.02 23.79 -6.34
N ILE A 289 16.78 24.20 -5.10
CA ILE A 289 15.38 24.42 -4.70
C ILE A 289 14.85 25.73 -5.27
N SER A 290 15.73 26.63 -5.71
CA SER A 290 15.36 27.92 -6.25
C SER A 290 15.06 27.88 -7.74
N ASN A 291 15.49 26.81 -8.44
CA ASN A 291 15.31 26.67 -9.88
C ASN A 291 14.73 25.28 -10.19
N GLN A 292 13.44 25.12 -9.92
CA GLN A 292 12.73 23.87 -10.12
C GLN A 292 12.07 23.88 -11.50
N PHE A 293 12.57 23.05 -12.41
CA PHE A 293 12.09 23.05 -13.80
C PHE A 293 11.49 21.70 -14.17
N VAL A 294 10.30 21.74 -14.78
CA VAL A 294 9.41 20.58 -14.91
C VAL A 294 8.92 20.53 -16.35
N ALA A 295 8.89 19.34 -16.94
CA ALA A 295 8.46 19.17 -18.33
C ALA A 295 7.03 18.64 -18.41
N PHE A 296 6.13 19.43 -19.02
CA PHE A 296 4.78 18.97 -19.29
C PHE A 296 4.65 18.57 -20.76
N ARG A 297 3.52 18.89 -21.39
CA ARG A 297 3.31 18.55 -22.80
C ARG A 297 4.29 19.36 -23.65
N ARG A 298 5.50 18.83 -23.77
CA ARG A 298 6.57 19.39 -24.59
C ARG A 298 6.82 20.86 -24.27
N LYS A 299 6.72 21.19 -22.97
CA LYS A 299 6.89 22.57 -22.50
C LYS A 299 7.45 22.52 -21.09
N ILE A 300 8.30 23.49 -20.74
CA ILE A 300 8.99 23.51 -19.46
C ILE A 300 8.50 24.66 -18.61
N TYR A 301 8.22 24.38 -17.33
CA TYR A 301 7.62 25.36 -16.44
C TYR A 301 8.45 25.41 -15.15
N LYS A 302 8.33 26.51 -14.43
CA LYS A 302 8.97 26.71 -13.14
C LYS A 302 7.99 26.69 -11.98
N TRP A 303 8.21 25.76 -11.04
CA TRP A 303 7.43 25.63 -9.80
C TRP A 303 7.86 26.63 -8.74
N ASN A 304 6.98 27.53 -8.31
CA ASN A 304 7.38 28.59 -7.40
C ASN A 304 6.55 28.57 -6.12
N HIS A 305 6.18 27.38 -5.60
CA HIS A 305 5.36 27.30 -4.37
C HIS A 305 5.80 26.20 -3.40
N GLY A 306 6.81 26.50 -2.57
CA GLY A 306 7.24 25.55 -1.55
C GLY A 306 8.21 24.53 -2.09
N LEU A 307 8.14 23.32 -1.54
CA LEU A 307 9.05 22.30 -2.02
C LEU A 307 8.28 21.37 -2.94
N LEU A 308 8.96 20.86 -3.95
CA LEU A 308 8.29 20.00 -4.94
C LEU A 308 8.41 18.53 -4.52
N GLN A 309 7.27 17.90 -4.30
CA GLN A 309 7.20 16.45 -4.04
C GLN A 309 7.78 15.70 -5.23
N GLY A 310 8.49 14.61 -4.96
CA GLY A 310 9.19 13.89 -6.01
C GLY A 310 10.65 14.28 -6.12
N ASP A 311 11.06 15.37 -5.46
CA ASP A 311 12.48 15.69 -5.47
C ASP A 311 13.19 14.85 -4.43
N PRO A 312 14.43 14.43 -4.74
CA PRO A 312 15.10 13.55 -3.79
C PRO A 312 15.36 14.29 -2.50
N LEU A 313 15.67 15.59 -2.59
CA LEU A 313 16.03 16.33 -1.40
C LEU A 313 14.81 16.82 -0.64
N SER A 314 13.62 16.82 -1.26
CA SER A 314 12.48 17.52 -0.66
C SER A 314 11.99 16.88 0.63
N GLY A 315 12.01 15.55 0.70
CA GLY A 315 11.49 14.85 1.85
C GLY A 315 12.32 15.25 3.04
N CYS A 316 13.60 15.05 2.88
CA CYS A 316 14.52 15.38 3.94
C CYS A 316 14.57 16.89 4.20
N LEU A 317 14.53 17.71 3.14
CA LEU A 317 14.62 19.17 3.32
C LEU A 317 13.43 19.74 4.08
N CYS A 318 12.21 19.24 3.80
CA CYS A 318 11.05 19.73 4.53
C CYS A 318 11.18 19.39 6.01
N GLU A 319 11.74 18.22 6.32
CA GLU A 319 11.86 17.87 7.72
C GLU A 319 12.73 18.90 8.42
N LEU A 320 13.81 19.33 7.75
CA LEU A 320 14.65 20.35 8.35
C LEU A 320 13.86 21.62 8.59
N TYR A 321 13.05 22.03 7.62
CA TYR A 321 12.30 23.25 7.81
C TYR A 321 11.39 23.07 9.02
N MET A 322 10.64 21.97 9.05
CA MET A 322 9.71 21.80 10.16
C MET A 322 10.47 21.57 11.44
N ALA A 323 11.66 20.97 11.35
CA ALA A 323 12.43 20.78 12.58
C ALA A 323 12.82 22.14 13.12
N PHE A 324 13.21 23.04 12.20
CA PHE A 324 13.55 24.38 12.63
C PHE A 324 12.30 25.07 13.17
N MET A 325 11.15 24.83 12.53
CA MET A 325 9.93 25.43 13.03
C MET A 325 9.68 24.90 14.42
N ASP A 326 9.95 23.60 14.59
CA ASP A 326 9.79 22.93 15.88
C ASP A 326 10.41 23.79 16.97
N ARG A 327 11.72 24.02 16.88
CA ARG A 327 12.39 24.77 17.93
C ARG A 327 11.85 26.19 17.99
N LEU A 328 11.59 26.78 16.83
CA LEU A 328 11.03 28.13 16.79
C LEU A 328 9.80 28.28 17.66
N TYR A 329 8.94 27.25 17.69
CA TYR A 329 7.63 27.32 18.34
C TYR A 329 7.33 26.33 19.46
N PHE A 330 8.13 25.30 19.69
CA PHE A 330 7.80 24.32 20.73
C PHE A 330 8.87 24.10 21.79
N SER A 331 9.76 25.07 21.98
CA SER A 331 10.80 24.96 23.01
C SER A 331 10.17 24.90 24.40
N ASN A 332 9.20 25.77 24.67
CA ASN A 332 8.56 25.83 25.98
C ASN A 332 7.29 25.01 25.97
N LEU A 333 7.35 23.78 26.43
CA LEU A 333 6.07 23.13 26.60
C LEU A 333 6.04 22.51 27.99
N ASP A 334 4.84 22.47 28.55
CA ASP A 334 4.69 21.94 29.91
C ASP A 334 5.19 20.51 29.97
N LYS A 335 6.10 20.23 30.90
CA LYS A 335 6.65 18.89 30.88
C LYS A 335 5.66 17.88 31.44
N ASP A 336 4.55 18.36 32.00
CA ASP A 336 3.45 17.48 32.31
C ASP A 336 2.61 17.18 31.06
N ALA A 337 2.99 17.74 29.91
CA ALA A 337 2.31 17.49 28.65
C ALA A 337 3.10 16.51 27.76
N PHE A 338 2.39 16.00 26.75
CA PHE A 338 2.93 15.06 25.76
C PHE A 338 2.88 15.70 24.38
N ILE A 339 3.94 15.58 23.59
CA ILE A 339 3.90 16.05 22.20
C ILE A 339 4.75 15.14 21.32
N HIS A 340 4.28 14.91 20.08
CA HIS A 340 5.05 14.15 19.10
C HIS A 340 4.67 14.61 17.70
N ARG A 341 5.64 14.57 16.78
CA ARG A 341 5.44 14.96 15.39
C ARG A 341 6.08 13.94 14.45
N THR A 342 5.36 13.55 13.39
CA THR A 342 5.91 12.60 12.43
C THR A 342 6.60 13.38 11.31
N VAL A 343 5.83 14.08 10.47
CA VAL A 343 6.41 15.07 9.57
C VAL A 343 5.49 16.28 9.36
N ASP A 344 4.27 16.03 8.87
CA ASP A 344 3.23 17.06 8.79
C ASP A 344 2.01 16.73 9.65
N ASP A 345 2.16 15.82 10.60
CA ASP A 345 1.10 15.44 11.52
C ASP A 345 1.61 15.74 12.93
N TYR A 346 0.80 16.46 13.71
CA TYR A 346 1.15 16.77 15.09
C TYR A 346 0.14 16.16 16.05
N PHE A 347 0.66 15.51 17.11
CA PHE A 347 -0.16 14.94 18.17
C PHE A 347 0.24 15.56 19.51
N PHE A 348 -0.70 16.24 20.18
CA PHE A 348 -0.40 16.91 21.44
C PHE A 348 -1.46 16.60 22.49
N CYS A 349 -1.03 16.29 23.72
CA CYS A 349 -1.91 15.90 24.81
C CYS A 349 -1.49 16.60 26.10
N SER A 350 -2.49 17.00 26.90
CA SER A 350 -2.29 17.64 28.19
C SER A 350 -3.52 17.40 29.06
N PRO A 351 -3.35 17.38 30.38
CA PRO A 351 -4.50 17.25 31.29
C PRO A 351 -5.43 18.46 31.28
N HIS A 352 -5.00 19.61 30.74
CA HIS A 352 -5.87 20.78 30.74
C HIS A 352 -6.46 21.02 29.36
N PRO A 353 -7.79 21.13 29.26
CA PRO A 353 -8.40 21.34 27.93
C PRO A 353 -7.93 22.62 27.27
N HIS A 354 -7.97 23.72 28.03
CA HIS A 354 -7.62 25.04 27.51
C HIS A 354 -6.21 25.08 26.89
N LYS A 355 -5.27 24.32 27.42
CA LYS A 355 -3.92 24.35 26.86
C LYS A 355 -3.87 23.62 25.52
N VAL A 356 -4.73 22.62 25.34
CA VAL A 356 -4.86 21.95 24.05
C VAL A 356 -5.53 22.89 23.06
N TYR A 357 -6.51 23.65 23.55
CA TYR A 357 -7.20 24.60 22.68
C TYR A 357 -6.20 25.64 22.18
N ASP A 358 -5.35 26.13 23.07
CA ASP A 358 -4.36 27.13 22.68
C ASP A 358 -3.43 26.54 21.64
N PHE A 359 -3.05 25.27 21.81
CA PHE A 359 -2.14 24.66 20.82
C PHE A 359 -2.82 24.63 19.46
N GLU A 360 -4.11 24.31 19.43
CA GLU A 360 -4.85 24.27 18.16
C GLU A 360 -4.86 25.63 17.49
N LEU A 361 -5.04 26.68 18.29
CA LEU A 361 -5.08 28.02 17.73
C LEU A 361 -3.70 28.42 17.22
N LEU A 362 -2.66 28.07 17.96
CA LEU A 362 -1.29 28.33 17.53
C LEU A 362 -1.03 27.74 16.14
N ILE A 363 -1.27 26.43 16.00
CA ILE A 363 -1.00 25.77 14.73
C ILE A 363 -1.85 26.37 13.61
N LYS A 364 -3.13 26.68 13.88
CA LYS A 364 -3.94 27.25 12.80
C LYS A 364 -3.45 28.64 12.44
N GLY A 365 -2.88 29.37 13.40
CA GLY A 365 -2.39 30.71 13.11
C GLY A 365 -1.14 30.67 12.28
N VAL A 366 -0.32 29.62 12.44
CA VAL A 366 0.93 29.51 11.70
C VAL A 366 0.73 28.79 10.36
N TYR A 367 -0.17 27.80 10.29
CA TYR A 367 -0.25 26.93 9.12
C TYR A 367 -1.66 26.85 8.57
N GLN A 368 -1.77 26.65 7.25
CA GLN A 368 -3.03 26.21 6.68
C GLN A 368 -3.10 24.70 6.92
N VAL A 369 -4.19 24.25 7.54
CA VAL A 369 -4.37 22.85 7.93
C VAL A 369 -5.56 22.24 7.21
N ASN A 370 -5.65 20.90 7.30
CA ASN A 370 -6.80 20.16 6.80
C ASN A 370 -7.84 19.98 7.89
N PRO A 371 -8.89 20.82 7.91
CA PRO A 371 -9.83 20.78 9.04
C PRO A 371 -10.57 19.46 9.13
N THR A 372 -10.85 18.83 7.99
CA THR A 372 -11.50 17.52 7.98
C THR A 372 -10.66 16.45 8.66
N LYS A 373 -9.33 16.57 8.64
CA LYS A 373 -8.45 15.57 9.24
C LYS A 373 -8.25 15.77 10.74
N THR A 374 -8.81 16.81 11.33
CA THR A 374 -8.65 17.05 12.77
C THR A 374 -9.54 16.13 13.60
N ARG A 375 -8.95 15.54 14.64
CA ARG A 375 -9.62 14.64 15.58
C ARG A 375 -9.31 15.13 16.98
N THR A 376 -10.34 15.24 17.83
CA THR A 376 -10.16 15.83 19.16
C THR A 376 -11.22 15.35 20.14
N ASN A 377 -10.81 15.23 21.41
CA ASN A 377 -11.75 14.94 22.47
C ASN A 377 -12.24 16.23 23.13
N LEU A 378 -11.87 17.39 22.57
CA LEU A 378 -12.32 18.68 23.09
C LEU A 378 -13.85 18.75 23.06
N PRO A 379 -14.51 19.15 24.16
CA PRO A 379 -15.98 19.18 24.14
C PRO A 379 -16.61 20.16 23.16
N THR A 380 -16.05 21.37 23.08
CA THR A 380 -16.51 22.47 22.22
C THR A 380 -16.37 22.19 20.73
N HIS A 381 -15.97 21.00 20.36
CA HIS A 381 -15.76 20.73 18.96
C HIS A 381 -16.98 20.01 18.41
N ARG A 382 -17.23 20.15 17.09
CA ARG A 382 -18.48 19.65 16.51
C ARG A 382 -18.64 18.13 16.67
N HIS A 383 -17.62 17.36 16.34
CA HIS A 383 -17.68 15.90 16.28
C HIS A 383 -16.53 15.32 17.09
N PRO A 384 -16.58 15.49 18.41
CA PRO A 384 -15.46 15.06 19.25
C PRO A 384 -15.40 13.55 19.39
N GLN A 385 -14.19 13.05 19.62
CA GLN A 385 -13.93 11.62 19.71
C GLN A 385 -12.87 11.34 20.76
N ASP A 386 -12.97 10.17 21.37
CA ASP A 386 -11.95 9.69 22.30
C ASP A 386 -10.83 8.96 21.60
N GLU A 387 -11.02 8.59 20.34
CA GLU A 387 -10.04 7.81 19.57
C GLU A 387 -9.39 8.75 18.58
N ILE A 388 -8.07 8.91 18.70
CA ILE A 388 -7.27 9.77 17.84
C ILE A 388 -6.37 8.87 16.99
N PRO A 389 -6.52 8.85 15.66
CA PRO A 389 -5.60 8.08 14.82
C PRO A 389 -4.32 8.87 14.56
N TYR A 390 -3.18 8.24 14.79
CA TYR A 390 -1.92 8.90 14.51
C TYR A 390 -0.85 7.86 14.24
N CYS A 391 -0.09 8.04 13.16
CA CYS A 391 1.10 7.24 12.86
C CYS A 391 0.80 5.75 12.86
N GLY A 392 -0.30 5.39 12.20
CA GLY A 392 -0.68 3.99 12.07
C GLY A 392 -1.33 3.38 13.28
N LYS A 393 -1.52 4.13 14.37
CA LYS A 393 -2.16 3.59 15.57
C LYS A 393 -3.40 4.42 15.94
N ILE A 394 -4.22 3.84 16.82
CA ILE A 394 -5.43 4.45 17.36
C ILE A 394 -5.28 4.60 18.87
N PHE A 395 -5.28 5.84 19.35
CA PHE A 395 -5.09 6.16 20.76
C PHE A 395 -6.41 6.58 21.40
N ASN A 396 -6.79 5.91 22.48
CA ASN A 396 -7.98 6.29 23.25
C ASN A 396 -7.52 7.11 24.44
N LEU A 397 -7.87 8.40 24.44
CA LEU A 397 -7.39 9.31 25.48
C LEU A 397 -7.99 9.03 26.84
N THR A 398 -9.25 8.58 26.89
CA THR A 398 -9.87 8.27 28.17
C THR A 398 -9.28 6.99 28.78
N THR A 399 -9.27 5.90 28.01
CA THR A 399 -8.83 4.59 28.49
C THR A 399 -7.32 4.41 28.47
N ARG A 400 -6.59 5.16 27.64
CA ARG A 400 -5.14 5.06 27.40
C ARG A 400 -4.79 3.87 26.51
N GLN A 401 -5.77 3.06 26.09
CA GLN A 401 -5.50 1.90 25.25
C GLN A 401 -5.19 2.32 23.82
N VAL A 402 -4.27 1.59 23.19
CA VAL A 402 -3.87 1.86 21.80
C VAL A 402 -4.01 0.60 20.96
N ARG A 403 -4.64 0.74 19.80
CA ARG A 403 -4.91 -0.35 18.87
C ARG A 403 -4.20 -0.08 17.56
N THR A 404 -3.92 -1.12 16.79
CA THR A 404 -3.36 -0.90 15.46
C THR A 404 -4.43 -0.29 14.56
N LEU A 405 -4.01 0.62 13.67
CA LEU A 405 -4.94 1.23 12.73
C LEU A 405 -4.92 0.44 11.42
N TYR A 406 -6.10 0.16 10.90
CA TYR A 406 -6.27 -0.68 9.73
C TYR A 406 -6.97 0.14 8.65
N LYS A 407 -6.34 0.24 7.49
CA LYS A 407 -6.85 1.04 6.39
C LYS A 407 -7.59 0.14 5.40
N LEU A 408 -8.80 -0.26 5.79
CA LEU A 408 -9.65 -1.04 4.90
C LEU A 408 -10.94 -0.30 4.58
N PRO A 409 -10.93 0.56 3.56
CA PRO A 409 -12.17 1.22 3.12
C PRO A 409 -13.23 0.18 2.79
N PRO A 410 -14.51 0.55 2.80
CA PRO A 410 -15.52 -0.43 2.39
C PRO A 410 -15.28 -0.81 0.93
N ASN A 411 -15.35 -2.11 0.65
CA ASN A 411 -15.17 -2.72 -0.67
C ASN A 411 -13.70 -2.79 -1.10
N TYR A 412 -12.75 -2.33 -0.28
CA TYR A 412 -11.35 -2.62 -0.57
C TYR A 412 -11.16 -4.12 -0.75
N GLU A 413 -10.34 -4.49 -1.73
CA GLU A 413 -10.05 -5.89 -2.02
C GLU A 413 -8.73 -6.23 -1.31
N ILE A 414 -8.81 -7.04 -0.25
CA ILE A 414 -7.68 -7.22 0.66
C ILE A 414 -6.45 -7.86 0.01
N ARG A 415 -6.63 -8.61 -1.07
CA ARG A 415 -5.43 -9.15 -1.73
C ARG A 415 -4.49 -8.07 -2.23
N HIS A 416 -4.96 -6.82 -2.35
CA HIS A 416 -4.06 -5.75 -2.75
C HIS A 416 -3.05 -5.41 -1.66
N LYS A 417 -3.30 -5.86 -0.43
CA LYS A 417 -2.41 -5.54 0.68
C LYS A 417 -1.13 -6.36 0.67
N PHE A 418 -1.12 -7.50 -0.01
CA PHE A 418 -0.05 -8.49 0.12
C PHE A 418 0.66 -8.67 -1.22
N LYS A 419 1.98 -8.45 -1.22
CA LYS A 419 2.83 -8.62 -2.39
C LYS A 419 3.38 -10.05 -2.33
N LEU A 420 2.70 -10.96 -3.03
CA LEU A 420 3.03 -12.38 -2.99
C LEU A 420 4.02 -12.85 -4.06
N TRP A 421 4.29 -12.04 -5.07
CA TRP A 421 5.13 -12.44 -6.20
C TRP A 421 6.49 -11.74 -6.19
N ASN A 422 7.56 -12.51 -6.42
CA ASN A 422 8.91 -11.97 -6.54
C ASN A 422 9.51 -12.38 -7.88
N PHE A 423 9.66 -11.41 -8.78
CA PHE A 423 10.24 -11.69 -10.10
C PHE A 423 11.72 -12.02 -10.01
N ASN A 424 12.40 -11.53 -8.98
CA ASN A 424 13.84 -11.72 -8.85
C ASN A 424 14.23 -13.10 -8.37
N ASN A 425 13.32 -13.82 -7.71
CA ASN A 425 13.57 -15.18 -7.23
C ASN A 425 12.32 -16.00 -7.47
N GLN A 426 12.32 -16.80 -8.52
CA GLN A 426 11.08 -17.42 -8.98
C GLN A 426 10.98 -18.86 -8.52
N ILE A 427 9.75 -19.29 -8.28
CA ILE A 427 9.42 -20.62 -7.79
C ILE A 427 8.74 -21.38 -8.92
N SER A 428 9.17 -22.62 -9.12
CA SER A 428 8.65 -23.41 -10.22
C SER A 428 7.20 -23.80 -9.94
N ASP A 429 6.47 -24.10 -11.01
CA ASP A 429 5.04 -24.42 -10.91
C ASP A 429 4.79 -25.74 -10.19
N ASP A 430 5.80 -26.59 -10.06
CA ASP A 430 5.68 -27.85 -9.33
C ASP A 430 5.91 -27.69 -7.82
N ASN A 431 6.46 -26.55 -7.38
CA ASN A 431 6.80 -26.30 -5.97
C ASN A 431 5.85 -25.39 -5.19
N PRO A 432 4.61 -25.79 -4.93
CA PRO A 432 3.69 -24.88 -4.25
C PRO A 432 4.03 -24.66 -2.79
N ALA A 433 4.67 -25.63 -2.14
CA ALA A 433 4.88 -25.55 -0.69
C ALA A 433 5.86 -24.43 -0.34
N ARG A 434 6.96 -24.33 -1.10
CA ARG A 434 7.92 -23.27 -0.86
C ARG A 434 7.25 -21.91 -1.06
N PHE A 435 6.36 -21.84 -2.04
CA PHE A 435 5.56 -20.63 -2.27
C PHE A 435 4.73 -20.26 -1.06
N LEU A 436 3.95 -21.21 -0.53
CA LEU A 436 3.04 -20.89 0.56
C LEU A 436 3.81 -20.52 1.82
N GLN A 437 4.96 -21.18 2.05
CA GLN A 437 5.65 -20.90 3.30
C GLN A 437 6.45 -19.60 3.20
N LYS A 438 7.02 -19.30 2.04
CA LYS A 438 7.58 -17.96 1.83
C LYS A 438 6.51 -16.88 2.00
N ALA A 439 5.28 -17.17 1.56
CA ALA A 439 4.17 -16.28 1.85
C ALA A 439 3.98 -16.07 3.36
N MET A 440 4.16 -17.12 4.16
CA MET A 440 3.89 -17.01 5.59
C MET A 440 5.12 -16.71 6.44
N ASP A 441 6.22 -16.26 5.84
CA ASP A 441 7.29 -15.64 6.62
C ASP A 441 6.76 -14.59 7.59
N PHE A 442 7.08 -14.78 8.87
CA PHE A 442 6.74 -13.78 9.90
C PHE A 442 7.14 -12.33 9.63
N PRO A 443 8.35 -12.01 9.06
CA PRO A 443 8.77 -10.61 8.96
C PRO A 443 7.71 -9.64 8.45
N PHE A 444 6.83 -10.12 7.58
CA PHE A 444 5.89 -9.22 6.92
C PHE A 444 4.89 -8.59 7.89
N ILE A 445 4.47 -9.29 8.94
CA ILE A 445 3.58 -8.68 9.93
C ILE A 445 4.35 -8.17 11.13
N CYS A 446 5.69 -8.17 11.08
CA CYS A 446 6.50 -7.85 12.25
C CYS A 446 6.15 -6.48 12.83
N ASN A 447 5.67 -5.55 12.00
CA ASN A 447 5.42 -4.20 12.49
C ASN A 447 4.19 -4.11 13.37
N SER A 448 3.45 -5.21 13.54
CA SER A 448 2.33 -5.26 14.45
C SER A 448 2.64 -6.21 15.61
N PHE A 449 3.92 -6.56 15.77
CA PHE A 449 4.41 -7.43 16.82
C PHE A 449 5.52 -6.68 17.55
N THR A 450 5.17 -5.53 18.11
CA THR A 450 6.14 -4.68 18.79
C THR A 450 5.64 -4.37 20.19
N LYS A 451 6.49 -3.64 20.91
CA LYS A 451 6.16 -3.23 22.27
C LYS A 451 4.86 -2.43 22.32
N PHE A 452 4.60 -1.59 21.31
CA PHE A 452 3.37 -0.79 21.29
C PHE A 452 2.10 -1.63 21.43
N GLU A 453 2.01 -2.79 20.77
CA GLU A 453 0.76 -3.51 20.91
C GLU A 453 0.77 -4.53 22.04
N PHE A 454 1.94 -4.97 22.50
CA PHE A 454 2.02 -6.06 23.46
C PHE A 454 2.40 -5.62 24.87
N ASN A 455 2.77 -4.36 25.07
CA ASN A 455 3.06 -3.84 26.41
C ASN A 455 1.86 -4.01 27.34
N THR A 456 2.15 -4.18 28.63
CA THR A 456 1.14 -4.07 29.67
C THR A 456 1.38 -2.87 30.59
N VAL A 457 2.30 -1.97 30.21
CA VAL A 457 2.58 -0.79 31.03
C VAL A 457 1.34 0.09 31.12
N PHE A 458 0.79 0.46 29.97
CA PHE A 458 -0.46 1.20 29.90
C PHE A 458 -1.57 0.41 29.21
N ASN A 459 -1.28 -0.76 28.66
CA ASN A 459 -2.25 -1.53 27.90
C ASN A 459 -2.80 -2.68 28.75
N ASP A 460 -4.13 -2.78 28.77
CA ASP A 460 -4.85 -3.89 29.37
C ASP A 460 -4.53 -5.21 28.67
N GLN A 461 -4.84 -6.31 29.35
CA GLN A 461 -4.68 -7.61 28.71
C GLN A 461 -5.70 -7.77 27.60
N ARG A 462 -6.89 -7.20 27.79
CA ARG A 462 -7.94 -7.28 26.78
C ARG A 462 -7.46 -6.66 25.47
N THR A 463 -6.77 -5.52 25.55
CA THR A 463 -6.32 -4.88 24.32
C THR A 463 -5.09 -5.53 23.74
N VAL A 464 -4.23 -6.14 24.55
CA VAL A 464 -3.09 -6.87 23.99
C VAL A 464 -3.62 -8.09 23.24
N PHE A 465 -4.70 -8.67 23.75
CA PHE A 465 -5.31 -9.80 23.06
C PHE A 465 -5.93 -9.31 21.75
N ALA A 466 -6.72 -8.24 21.82
CA ALA A 466 -7.42 -7.78 20.63
C ALA A 466 -6.45 -7.36 19.53
N ASN A 467 -5.30 -6.76 19.92
CA ASN A 467 -4.23 -6.47 18.96
C ASN A 467 -3.72 -7.74 18.30
N PHE A 468 -3.33 -8.74 19.11
CA PHE A 468 -2.83 -9.98 18.55
C PHE A 468 -3.85 -10.60 17.62
N TYR A 469 -5.13 -10.52 18.01
CA TYR A 469 -6.22 -11.06 17.20
C TYR A 469 -6.31 -10.35 15.86
N ASP A 470 -6.37 -9.01 15.88
CA ASP A 470 -6.49 -8.25 14.64
C ASP A 470 -5.36 -8.61 13.67
N ALA A 471 -4.13 -8.67 14.19
CA ALA A 471 -2.98 -9.07 13.39
C ALA A 471 -3.19 -10.47 12.81
N MET A 472 -3.64 -11.41 13.65
CA MET A 472 -3.83 -12.77 13.17
C MET A 472 -4.93 -12.82 12.10
N ILE A 473 -5.98 -12.01 12.27
CA ILE A 473 -7.00 -11.84 11.24
C ILE A 473 -6.35 -11.43 9.92
N CYS A 474 -5.39 -10.50 10.00
CA CYS A 474 -4.68 -10.07 8.80
C CYS A 474 -3.90 -11.24 8.17
N VAL A 475 -3.21 -12.02 9.01
CA VAL A 475 -2.44 -13.15 8.50
C VAL A 475 -3.37 -14.19 7.86
N ALA A 476 -4.56 -14.39 8.44
CA ALA A 476 -5.57 -15.25 7.84
C ALA A 476 -6.00 -14.75 6.46
N TYR A 477 -6.29 -13.43 6.35
CA TYR A 477 -6.70 -12.91 5.05
C TYR A 477 -5.59 -13.10 4.02
N LYS A 478 -4.34 -13.05 4.47
CA LYS A 478 -3.24 -13.28 3.53
C LYS A 478 -3.17 -14.75 3.16
N PHE A 479 -3.41 -15.65 4.12
CA PHE A 479 -3.49 -17.07 3.80
C PHE A 479 -4.53 -17.32 2.73
N ASP A 480 -5.70 -16.69 2.88
CA ASP A 480 -6.80 -16.85 1.94
C ASP A 480 -6.35 -16.42 0.55
N ALA A 481 -5.88 -15.16 0.42
CA ALA A 481 -5.38 -14.72 -0.88
C ALA A 481 -4.36 -15.69 -1.46
N ALA A 482 -3.44 -16.21 -0.62
CA ALA A 482 -2.43 -17.13 -1.13
C ALA A 482 -3.05 -18.43 -1.59
N MET A 483 -4.08 -18.90 -0.89
CA MET A 483 -4.77 -20.12 -1.29
C MET A 483 -5.45 -19.93 -2.64
N MET A 484 -6.13 -18.79 -2.80
CA MET A 484 -6.80 -18.52 -4.08
C MET A 484 -5.78 -18.46 -5.20
N ALA A 485 -4.60 -17.89 -4.92
CA ALA A 485 -3.51 -17.93 -5.88
C ALA A 485 -3.12 -19.36 -6.22
N LEU A 486 -3.07 -20.23 -5.19
CA LEU A 486 -2.69 -21.63 -5.38
C LEU A 486 -3.70 -22.39 -6.23
N ARG A 487 -5.00 -22.12 -6.08
CA ARG A 487 -6.01 -22.84 -6.85
C ARG A 487 -5.95 -22.44 -8.32
N THR A 488 -5.81 -21.15 -8.60
CA THR A 488 -6.02 -20.61 -9.93
C THR A 488 -4.77 -20.65 -10.79
N SER A 489 -3.58 -20.68 -10.21
CA SER A 489 -2.40 -20.75 -11.07
C SER A 489 -1.53 -21.97 -10.79
N PHE A 490 -1.38 -22.39 -9.53
CA PHE A 490 -0.75 -23.69 -9.28
C PHE A 490 -1.66 -24.84 -9.67
N LEU A 491 -2.98 -24.62 -9.66
CA LEU A 491 -3.95 -25.65 -10.05
C LEU A 491 -3.76 -26.88 -9.17
N VAL A 492 -3.41 -26.66 -7.89
CA VAL A 492 -3.19 -27.76 -6.97
C VAL A 492 -4.49 -28.52 -6.73
N ASN A 493 -4.34 -29.83 -6.57
CA ASN A 493 -5.37 -30.78 -6.17
C ASN A 493 -5.13 -31.42 -4.83
N ASP A 494 -3.87 -31.51 -4.43
CA ASP A 494 -3.47 -32.09 -3.15
C ASP A 494 -3.43 -31.05 -2.05
N PHE A 495 -4.48 -31.01 -1.24
CA PHE A 495 -4.48 -30.15 -0.08
C PHE A 495 -4.05 -30.87 1.19
N GLY A 496 -3.46 -32.07 1.10
CA GLY A 496 -3.12 -32.75 2.34
C GLY A 496 -1.96 -32.11 3.08
N PHE A 497 -0.95 -31.67 2.35
CA PHE A 497 0.18 -31.01 2.97
C PHE A 497 -0.12 -29.60 3.47
N ILE A 498 -1.33 -29.08 3.30
CA ILE A 498 -1.52 -27.71 3.74
C ILE A 498 -1.51 -27.64 5.26
N TRP A 499 -2.17 -28.59 5.91
CA TRP A 499 -2.47 -28.53 7.33
C TRP A 499 -1.22 -28.76 8.17
N LEU A 500 -0.21 -27.92 8.05
CA LEU A 500 1.06 -28.30 8.65
C LEU A 500 1.77 -26.99 8.99
N VAL A 501 2.08 -26.17 7.98
CA VAL A 501 2.81 -24.93 8.22
C VAL A 501 1.97 -23.98 9.06
N LEU A 502 0.65 -24.02 8.92
CA LEU A 502 -0.27 -23.25 9.75
C LEU A 502 0.10 -23.43 11.21
N SER A 503 -0.09 -24.65 11.75
CA SER A 503 0.29 -24.85 13.15
C SER A 503 1.76 -24.59 13.41
N SER A 504 2.66 -24.86 12.46
CA SER A 504 4.05 -24.49 12.72
C SER A 504 4.17 -22.97 12.87
N THR A 505 3.33 -22.23 12.14
CA THR A 505 3.36 -20.79 12.31
C THR A 505 2.65 -20.36 13.58
N VAL A 506 1.48 -20.93 13.90
CA VAL A 506 0.81 -20.51 15.12
C VAL A 506 1.74 -20.68 16.32
N ARG A 507 2.28 -21.90 16.49
CA ARG A 507 3.30 -22.11 17.52
C ARG A 507 4.33 -20.99 17.50
N ALA A 508 5.08 -20.86 16.38
CA ALA A 508 6.20 -19.92 16.42
C ALA A 508 5.72 -18.49 16.69
N TYR A 509 4.55 -18.12 16.17
CA TYR A 509 4.01 -16.78 16.34
C TYR A 509 3.65 -16.53 17.81
N ALA A 510 2.93 -17.48 18.40
CA ALA A 510 2.62 -17.43 19.83
C ALA A 510 3.89 -17.34 20.65
N SER A 511 4.92 -18.11 20.29
CA SER A 511 6.16 -18.06 21.07
C SER A 511 6.76 -16.66 20.98
N ARG A 512 6.80 -16.11 19.76
CA ARG A 512 7.32 -14.76 19.57
C ARG A 512 6.50 -13.75 20.34
N ALA A 513 5.18 -14.00 20.45
CA ALA A 513 4.32 -13.11 21.22
C ALA A 513 4.65 -13.24 22.69
N PHE A 514 4.77 -14.48 23.17
CA PHE A 514 5.06 -14.73 24.56
C PHE A 514 6.30 -13.95 24.96
N LYS A 515 7.30 -14.13 24.10
CA LYS A 515 8.61 -13.48 24.30
C LYS A 515 8.36 -11.99 24.43
N LYS A 516 7.67 -11.41 23.47
CA LYS A 516 7.48 -9.95 23.58
C LYS A 516 6.67 -9.62 24.82
N ILE A 517 5.57 -10.34 25.05
CA ILE A 517 4.73 -9.96 26.22
C ILE A 517 5.53 -10.16 27.49
N VAL A 518 6.26 -11.26 27.60
CA VAL A 518 7.11 -11.46 28.80
C VAL A 518 8.21 -10.40 28.77
N THR A 519 8.73 -10.06 27.60
CA THR A 519 9.73 -8.97 27.59
C THR A 519 9.09 -7.65 28.08
N TYR A 520 7.82 -7.36 27.78
CA TYR A 520 7.29 -6.07 28.27
C TYR A 520 6.18 -6.22 29.30
N LYS A 521 6.43 -6.91 30.39
CA LYS A 521 5.44 -6.98 31.46
C LYS A 521 5.22 -5.61 32.07
N GLY A 522 3.98 -5.37 32.49
CA GLY A 522 3.57 -4.09 33.05
C GLY A 522 2.63 -4.32 34.23
N GLY A 523 2.21 -3.20 34.83
CA GLY A 523 1.42 -3.27 36.04
C GLY A 523 0.04 -3.85 35.81
N LYS A 524 -0.46 -3.79 34.58
CA LYS A 524 -1.74 -4.36 34.21
C LYS A 524 -1.64 -5.81 33.75
N TYR A 525 -0.44 -6.39 33.77
CA TYR A 525 -0.23 -7.77 33.34
C TYR A 525 -0.68 -8.75 34.43
N ARG A 526 -1.62 -9.62 34.08
CA ARG A 526 -2.10 -10.64 35.01
C ARG A 526 -1.34 -11.94 34.82
N LYS A 527 -1.72 -12.72 33.81
CA LYS A 527 -1.11 -14.01 33.50
C LYS A 527 -1.54 -14.41 32.09
N VAL A 528 -0.57 -14.80 31.25
CA VAL A 528 -0.87 -15.18 29.88
C VAL A 528 -0.29 -16.56 29.58
N THR A 529 -1.15 -17.48 29.14
CA THR A 529 -0.81 -18.86 28.84
C THR A 529 -0.34 -18.96 27.40
N PHE A 530 0.87 -19.47 27.19
CA PHE A 530 1.31 -19.92 25.87
C PHE A 530 0.17 -20.44 25.00
N GLN A 531 -0.55 -21.44 25.50
CA GLN A 531 -1.67 -22.03 24.75
C GLN A 531 -2.79 -21.04 24.41
N CYS A 532 -3.09 -20.08 25.31
CA CYS A 532 -4.18 -19.13 25.05
C CYS A 532 -3.92 -18.30 23.79
N LEU A 533 -2.67 -17.88 23.58
CA LEU A 533 -2.33 -17.14 22.37
C LEU A 533 -2.60 -17.99 21.14
N LYS A 534 -2.22 -19.25 21.20
CA LYS A 534 -2.47 -20.15 20.08
C LYS A 534 -3.97 -20.27 19.84
N SER A 535 -4.74 -20.41 20.91
CA SER A 535 -6.19 -20.47 20.78
C SER A 535 -6.75 -19.22 20.15
N ILE A 536 -6.19 -18.05 20.47
CA ILE A 536 -6.67 -16.80 19.87
C ILE A 536 -6.37 -16.80 18.37
N ALA A 537 -5.14 -17.17 18.01
CA ALA A 537 -4.73 -17.21 16.61
C ALA A 537 -5.64 -18.16 15.82
N TRP A 538 -5.84 -19.35 16.38
CA TRP A 538 -6.67 -20.37 15.74
C TRP A 538 -8.11 -19.91 15.60
N ARG A 539 -8.61 -19.13 16.58
CA ARG A 539 -9.98 -18.62 16.45
C ARG A 539 -10.04 -17.53 15.38
N ALA A 540 -8.94 -16.79 15.21
CA ALA A 540 -8.85 -15.80 14.14
C ALA A 540 -8.97 -16.46 12.76
N PHE A 541 -8.09 -17.44 12.51
CA PHE A 541 -8.22 -18.22 11.27
C PHE A 541 -9.61 -18.79 11.10
N LEU A 542 -10.19 -19.31 12.17
CA LEU A 542 -11.55 -19.85 12.10
C LEU A 542 -12.52 -18.80 11.58
N ALA A 543 -12.52 -17.62 12.22
CA ALA A 543 -13.44 -16.55 11.85
C ALA A 543 -13.27 -16.14 10.39
N VAL A 544 -12.03 -16.17 9.89
CA VAL A 544 -11.78 -15.76 8.51
C VAL A 544 -12.24 -16.84 7.53
N LEU A 545 -11.77 -18.07 7.73
CA LEU A 545 -12.06 -19.19 6.84
C LEU A 545 -13.56 -19.38 6.60
N LYS A 546 -14.41 -18.82 7.46
CA LYS A 546 -15.84 -18.97 7.33
C LYS A 546 -16.41 -18.21 6.14
N ARG A 547 -15.69 -17.20 5.64
CA ARG A 547 -16.20 -16.42 4.52
C ARG A 547 -16.38 -17.28 3.28
N ARG A 548 -15.48 -18.23 3.04
CA ARG A 548 -15.61 -19.14 1.92
C ARG A 548 -15.71 -20.55 2.51
N THR A 549 -16.89 -20.84 3.06
CA THR A 549 -17.14 -22.08 3.79
C THR A 549 -17.00 -23.32 2.90
N GLU A 550 -17.64 -23.31 1.73
CA GLU A 550 -17.68 -24.51 0.90
C GLU A 550 -16.29 -25.00 0.50
N ILE A 551 -15.41 -24.08 0.13
CA ILE A 551 -14.04 -24.40 -0.27
C ILE A 551 -13.22 -24.95 0.89
N TYR A 552 -13.47 -24.47 2.12
CA TYR A 552 -12.62 -24.77 3.26
C TYR A 552 -13.28 -25.64 4.33
N LYS A 553 -14.46 -26.21 4.05
CA LYS A 553 -15.19 -26.93 5.09
C LYS A 553 -14.37 -28.08 5.64
N GLY A 554 -13.66 -28.80 4.77
CA GLY A 554 -12.63 -29.73 5.23
C GLY A 554 -11.67 -29.11 6.24
N LEU A 555 -11.07 -27.97 5.89
CA LEU A 555 -10.03 -27.38 6.75
C LEU A 555 -10.63 -26.93 8.09
N ILE A 556 -11.75 -26.21 8.03
CA ILE A 556 -12.42 -25.75 9.25
C ILE A 556 -12.77 -26.95 10.12
N ASP A 557 -13.20 -28.05 9.50
CA ASP A 557 -13.57 -29.25 10.24
C ASP A 557 -12.31 -29.86 10.87
N ARG A 558 -11.22 -29.78 10.11
CA ARG A 558 -9.91 -30.31 10.48
C ARG A 558 -9.47 -29.68 11.79
N ILE A 559 -9.55 -28.35 11.86
CA ILE A 559 -9.15 -27.57 13.02
C ILE A 559 -10.24 -27.55 14.09
N LYS A 560 -11.49 -27.86 13.71
CA LYS A 560 -12.60 -27.99 14.65
C LYS A 560 -12.29 -28.97 15.76
N SER A 561 -11.68 -30.10 15.44
CA SER A 561 -11.32 -31.10 16.45
C SER A 561 -9.91 -30.86 16.98
N ARG A 562 -9.75 -31.09 18.29
CA ARG A 562 -8.56 -30.68 19.04
C ARG A 562 -8.37 -29.18 18.93
N GLU A 563 -7.10 -28.76 18.86
CA GLU A 563 -6.74 -27.35 18.71
C GLU A 563 -7.43 -26.52 19.76
N LYS A 564 -6.91 -26.46 20.98
CA LYS A 564 -7.74 -26.04 22.10
C LYS A 564 -7.99 -24.54 21.97
N LEU A 565 -9.26 -24.14 22.08
CA LEU A 565 -9.69 -22.75 22.00
C LEU A 565 -10.24 -22.22 23.32
N THR A 566 -9.95 -22.92 24.42
CA THR A 566 -10.46 -22.54 25.73
C THR A 566 -10.08 -21.11 26.05
N MET A 567 -11.03 -20.21 25.88
CA MET A 567 -10.95 -18.76 26.08
C MET A 567 -11.43 -18.41 27.48
N LYS A 568 -10.80 -19.09 28.43
CA LYS A 568 -11.02 -18.98 29.86
C LYS A 568 -9.89 -18.24 30.54
N PHE A 569 -9.35 -17.23 29.87
CA PHE A 569 -8.19 -16.51 30.36
C PHE A 569 -8.47 -15.87 31.73
N HIS A 570 -7.44 -15.89 32.57
CA HIS A 570 -7.50 -15.51 33.98
C HIS A 570 -7.55 -13.97 34.02
N ASP A 571 -8.72 -13.46 33.66
CA ASP A 571 -9.01 -12.02 33.67
C ASP A 571 -10.44 -11.70 34.05
N GLY A 572 -11.39 -12.59 33.85
CA GLY A 572 -12.78 -12.33 34.24
C GLY A 572 -13.36 -11.03 33.71
N GLU A 573 -13.02 -10.66 32.49
CA GLU A 573 -13.47 -9.40 31.92
C GLU A 573 -13.57 -9.47 30.41
N VAL A 574 -12.59 -10.15 29.78
CA VAL A 574 -12.50 -10.29 28.32
C VAL A 574 -13.88 -10.66 27.81
N ASP A 575 -14.47 -9.82 26.97
CA ASP A 575 -15.87 -10.12 26.58
C ASP A 575 -15.91 -11.51 25.92
N ALA A 576 -14.95 -11.75 25.01
CA ALA A 576 -14.67 -12.98 24.23
C ALA A 576 -15.58 -13.13 23.00
N SER A 577 -16.60 -12.27 22.87
CA SER A 577 -17.51 -12.24 21.71
C SER A 577 -16.70 -11.76 20.50
N TYR A 578 -15.80 -10.81 20.74
CA TYR A 578 -15.00 -10.25 19.66
C TYR A 578 -14.12 -11.32 19.04
N PHE A 579 -13.55 -12.16 19.89
CA PHE A 579 -12.68 -13.22 19.44
C PHE A 579 -13.45 -14.26 18.65
N CYS A 580 -14.68 -14.57 19.06
CA CYS A 580 -15.41 -15.63 18.38
C CYS A 580 -15.73 -15.32 16.92
N LYS A 581 -16.22 -14.13 16.65
CA LYS A 581 -16.60 -13.78 15.28
C LYS A 581 -15.56 -12.86 14.67
N LEU A 582 -15.89 -12.29 13.56
CA LEU A 582 -15.02 -11.41 12.80
C LEU A 582 -15.38 -9.96 13.11
N PRO A 583 -14.38 -9.13 13.43
CA PRO A 583 -14.68 -7.72 13.74
C PRO A 583 -15.31 -7.05 12.54
N GLU A 584 -16.19 -6.08 12.83
CA GLU A 584 -16.98 -5.49 11.75
C GLU A 584 -16.10 -4.85 10.68
N LYS A 585 -14.89 -4.43 11.06
CA LYS A 585 -14.01 -3.80 10.09
C LYS A 585 -13.72 -4.75 8.93
N PHE A 586 -13.52 -6.04 9.23
CA PHE A 586 -13.09 -7.01 8.23
C PHE A 586 -14.22 -7.89 7.70
N ARG A 587 -15.43 -7.77 8.25
CA ARG A 587 -16.59 -8.45 7.66
C ARG A 587 -16.97 -7.90 6.28
N PHE A 588 -16.75 -6.61 6.05
CA PHE A 588 -17.26 -5.89 4.89
C PHE A 588 -16.24 -5.72 3.78
N VAL A 589 -15.08 -6.33 3.90
CA VAL A 589 -14.02 -6.21 2.90
C VAL A 589 -14.22 -7.36 1.90
N LYS A 590 -13.84 -7.10 0.64
CA LYS A 590 -14.21 -7.95 -0.49
C LYS A 590 -13.00 -8.78 -0.89
N ILE A 591 -13.18 -10.10 -0.80
CA ILE A 591 -12.14 -11.08 -1.14
C ILE A 591 -12.22 -11.68 -2.55
N ASN A 592 -13.39 -11.68 -3.19
CA ASN A 592 -13.55 -12.33 -4.49
CA ASN A 592 -13.53 -12.34 -4.49
C ASN A 592 -12.94 -11.47 -5.59
N ARG A 593 -13.14 -11.89 -6.85
CA ARG A 593 -12.54 -11.19 -7.99
C ARG A 593 -13.50 -11.29 -9.18
N LYS A 594 -13.98 -10.13 -9.62
CA LYS A 594 -14.79 -10.00 -10.82
C LYS A 594 -14.32 -8.76 -11.59
N ALA A 595 -14.10 -8.92 -12.89
CA ALA A 595 -13.64 -7.81 -13.72
C ALA A 595 -14.77 -6.80 -13.87
N SER A 596 -14.65 -5.70 -13.13
CA SER A 596 -15.62 -4.62 -13.16
C SER A 596 -15.69 -3.97 -14.54
N ILE A 597 -14.61 -3.30 -14.93
CA ILE A 597 -14.58 -2.60 -16.21
C ILE A 597 -13.31 -2.93 -16.97
#